data_8JZK
#
_entry.id   8JZK
#
_cell.length_a   60.727
_cell.length_b   87.931
_cell.length_c   113.973
_cell.angle_alpha   90.0
_cell.angle_beta   90.0
_cell.angle_gamma   90.0
#
_symmetry.space_group_name_H-M   'C 2 2 21'
#
loop_
_entity.id
_entity.type
_entity.pdbx_description
1 polymer 'glutathione transferase'
2 non-polymer GLUTATHIONE
3 water water
#
_entity_poly.entity_id   1
_entity_poly.type   'polypeptide(L)'
_entity_poly.pdbx_seq_one_letter_code
;MAEQPKLLGALPSPFVYRVIWALKLKAIPYEFIEEDLTNKSPLLLKYNPVHKKIPVFLHGDKPVCESMIIVEYIDEVWPQ
NPLLPKDPYERALARFWVKFAEDKGTAVWRMFRSKGEELEKTMKETQEMLQTVEEHGIGEKKFFGGESIGIADIAFGSVV
YWLEVIEEAVGEGAVFEAHRFPRLHAWIKDFKQVPVIKENLPERDWMVTFFKNRREALVGSA
;
_entity_poly.pdbx_strand_id   A
#
loop_
_chem_comp.id
_chem_comp.type
_chem_comp.name
_chem_comp.formula
GSH non-polymer GLUTATHIONE 'C10 H17 N3 O6 S'
#
# COMPACT_ATOMS: atom_id res chain seq x y z
N GLN A 4 -10.09 17.29 -15.15
CA GLN A 4 -9.04 16.33 -14.84
C GLN A 4 -9.08 15.86 -13.36
N PRO A 5 -9.05 14.55 -13.12
CA PRO A 5 -9.21 14.03 -11.76
C PRO A 5 -8.15 14.52 -10.78
N LYS A 6 -8.59 14.72 -9.53
CA LYS A 6 -7.73 15.19 -8.43
C LYS A 6 -7.44 14.12 -7.39
N LEU A 7 -6.16 13.99 -7.05
CA LEU A 7 -5.71 13.15 -5.95
C LEU A 7 -5.13 13.99 -4.81
N LEU A 8 -5.86 14.09 -3.70
CA LEU A 8 -5.34 14.71 -2.49
C LEU A 8 -4.50 13.72 -1.68
N GLY A 9 -3.32 14.14 -1.27
CA GLY A 9 -2.45 13.27 -0.51
C GLY A 9 -1.17 13.92 -0.04
N ALA A 10 -0.21 13.10 0.38
CA ALA A 10 1.08 13.57 0.87
C ALA A 10 2.13 12.48 0.63
N LEU A 11 3.38 12.90 0.41
CA LEU A 11 4.40 12.05 -0.23
C LEU A 11 4.58 10.65 0.37
N PRO A 12 4.98 10.56 1.65
CA PRO A 12 5.36 9.23 2.18
C PRO A 12 4.21 8.23 2.47
N SER A 13 2.95 8.64 2.30
CA SER A 13 1.80 7.80 2.66
C SER A 13 1.65 6.50 1.83
N PRO A 14 1.64 5.33 2.50
CA PRO A 14 1.43 4.09 1.74
C PRO A 14 0.09 4.06 1.05
N PHE A 15 -0.89 4.75 1.63
CA PHE A 15 -2.26 4.66 1.16
C PHE A 15 -2.46 5.51 -0.08
N VAL A 16 -1.68 6.58 -0.19
CA VAL A 16 -1.68 7.41 -1.38
C VAL A 16 -0.96 6.71 -2.54
N TYR A 17 0.10 5.97 -2.27
CA TYR A 17 0.85 5.35 -3.35
C TYR A 17 0.11 4.20 -3.96
N ARG A 18 -0.81 3.62 -3.21
CA ARG A 18 -1.74 2.64 -3.79
C ARG A 18 -2.47 3.27 -4.97
N VAL A 19 -2.97 4.48 -4.76
CA VAL A 19 -3.77 5.18 -5.76
C VAL A 19 -2.89 5.69 -6.89
N ILE A 20 -1.72 6.22 -6.53
CA ILE A 20 -0.78 6.67 -7.54
C ILE A 20 -0.43 5.54 -8.48
N TRP A 21 -0.20 4.34 -7.94
CA TRP A 21 0.21 3.22 -8.78
C TRP A 21 -0.90 2.83 -9.77
N ALA A 22 -2.13 2.84 -9.28
CA ALA A 22 -3.28 2.48 -10.09
C ALA A 22 -3.46 3.51 -11.19
N LEU A 23 -3.26 4.78 -10.84
CA LEU A 23 -3.36 5.84 -11.82
C LEU A 23 -2.25 5.70 -12.87
N LYS A 24 -1.01 5.50 -12.41
CA LYS A 24 0.13 5.34 -13.30
C LYS A 24 0.06 4.09 -14.16
N LEU A 25 -0.38 2.97 -13.58
CA LEU A 25 -0.52 1.72 -14.32
C LEU A 25 -1.51 1.83 -15.45
N LYS A 26 -2.48 2.71 -15.31
CA LYS A 26 -3.51 2.85 -16.31
C LYS A 26 -3.26 4.09 -17.17
N ALA A 27 -2.15 4.74 -16.91
CA ALA A 27 -1.78 5.97 -17.60
C ALA A 27 -2.94 6.96 -17.61
N ILE A 28 -3.68 7.00 -16.52
CA ILE A 28 -4.67 8.04 -16.28
C ILE A 28 -4.02 9.31 -15.75
N PRO A 29 -4.20 10.44 -16.46
CA PRO A 29 -3.72 11.79 -16.09
C PRO A 29 -4.47 12.37 -14.91
N TYR A 30 -3.76 12.97 -13.96
CA TYR A 30 -4.41 13.54 -12.79
C TYR A 30 -3.57 14.63 -12.17
N GLU A 31 -4.18 15.41 -11.30
CA GLU A 31 -3.47 16.43 -10.58
C GLU A 31 -3.28 16.00 -9.15
N PHE A 32 -2.04 16.04 -8.71
CA PHE A 32 -1.74 15.71 -7.34
C PHE A 32 -1.88 16.94 -6.47
N ILE A 33 -2.75 16.87 -5.48
CA ILE A 33 -2.88 17.95 -4.52
C ILE A 33 -2.25 17.59 -3.19
N GLU A 34 -1.04 18.07 -3.00
CA GLU A 34 -0.30 17.99 -1.75
C GLU A 34 -1.13 18.44 -0.56
N GLU A 35 -1.31 17.56 0.42
CA GLU A 35 -2.06 17.90 1.63
C GLU A 35 -1.18 17.80 2.88
N ASP A 36 -1.22 18.89 3.64
CA ASP A 36 -0.60 18.93 4.96
C ASP A 36 -1.67 18.53 5.98
N LEU A 37 -1.44 17.41 6.64
CA LEU A 37 -2.39 16.86 7.60
C LEU A 37 -2.44 17.61 8.96
N THR A 38 -1.37 18.31 9.31
CA THR A 38 -1.38 19.17 10.49
C THR A 38 -2.13 20.47 10.21
N ASN A 39 -2.53 20.65 8.95
CA ASN A 39 -3.26 21.84 8.52
C ASN A 39 -4.18 21.45 7.34
N LYS A 40 -5.23 20.70 7.62
CA LYS A 40 -6.01 20.07 6.56
C LYS A 40 -6.86 21.08 5.81
N SER A 41 -6.71 21.12 4.49
CA SER A 41 -7.41 22.09 3.67
C SER A 41 -8.92 21.93 3.80
N PRO A 42 -9.67 22.99 3.52
CA PRO A 42 -11.13 22.97 3.52
C PRO A 42 -11.70 21.96 2.51
N LEU A 43 -10.93 21.70 1.46
CA LEU A 43 -11.30 20.73 0.43
C LEU A 43 -11.40 19.33 1.03
N LEU A 44 -10.33 18.90 1.69
CA LEU A 44 -10.31 17.66 2.42
C LEU A 44 -11.45 17.56 3.43
N LEU A 45 -11.69 18.62 4.19
CA LEU A 45 -12.71 18.54 5.23
C LEU A 45 -14.11 18.48 4.63
N LYS A 46 -14.25 18.99 3.42
CA LYS A 46 -15.54 19.03 2.75
C LYS A 46 -15.83 17.71 2.04
N TYR A 47 -14.79 17.04 1.54
CA TYR A 47 -15.02 15.89 0.70
C TYR A 47 -14.74 14.55 1.37
N ASN A 48 -14.09 14.58 2.52
CA ASN A 48 -14.01 13.41 3.36
C ASN A 48 -14.51 13.74 4.78
N PRO A 49 -15.76 14.19 4.91
CA PRO A 49 -16.22 14.54 6.25
C PRO A 49 -16.23 13.35 7.20
N VAL A 50 -16.44 12.14 6.68
CA VAL A 50 -16.52 10.98 7.55
C VAL A 50 -15.19 10.64 8.27
N HIS A 51 -14.07 10.65 7.55
CA HIS A 51 -12.76 10.26 8.12
C HIS A 51 -11.75 11.37 8.13
N LYS A 52 -11.92 12.31 7.22
CA LYS A 52 -11.01 13.45 7.08
C LYS A 52 -9.58 12.96 6.85
N LYS A 53 -9.44 11.82 6.19
CA LYS A 53 -8.13 11.27 5.84
C LYS A 53 -7.80 11.38 4.34
N ILE A 54 -6.52 11.25 4.01
CA ILE A 54 -6.17 11.06 2.61
C ILE A 54 -5.71 9.61 2.40
N PRO A 55 -5.78 9.11 1.16
CA PRO A 55 -6.15 9.84 -0.05
C PRO A 55 -7.63 10.13 -0.21
N VAL A 56 -7.93 11.22 -0.92
CA VAL A 56 -9.25 11.44 -1.47
C VAL A 56 -9.09 11.59 -2.95
N PHE A 57 -9.97 10.93 -3.69
CA PHE A 57 -9.88 10.95 -5.13
C PHE A 57 -11.09 11.71 -5.64
N LEU A 58 -10.84 12.82 -6.33
CA LEU A 58 -11.93 13.64 -6.81
C LEU A 58 -12.12 13.50 -8.32
N HIS A 59 -13.14 12.75 -8.72
CA HIS A 59 -13.44 12.58 -10.14
C HIS A 59 -14.78 13.24 -10.44
N GLY A 60 -14.76 14.17 -11.38
CA GLY A 60 -15.88 15.08 -11.53
C GLY A 60 -15.90 15.91 -10.26
N ASP A 61 -17.07 16.06 -9.68
CA ASP A 61 -17.21 16.71 -8.37
C ASP A 61 -17.43 15.68 -7.25
N LYS A 62 -17.46 14.40 -7.60
CA LYS A 62 -17.69 13.35 -6.60
C LYS A 62 -16.37 12.91 -5.98
N PRO A 63 -16.34 12.80 -4.64
CA PRO A 63 -15.17 12.28 -3.91
C PRO A 63 -15.25 10.77 -3.63
N VAL A 64 -14.15 10.06 -3.83
CA VAL A 64 -14.05 8.65 -3.42
C VAL A 64 -12.93 8.53 -2.39
N CYS A 65 -13.19 7.88 -1.25
CA CYS A 65 -12.29 8.08 -0.12
C CYS A 65 -11.29 6.96 0.29
N GLU A 66 -11.69 5.78 0.75
CA GLU A 66 -10.65 4.85 1.25
C GLU A 66 -9.82 4.24 0.10
N SER A 67 -8.50 4.16 0.27
CA SER A 67 -7.57 3.82 -0.83
C SER A 67 -7.88 2.54 -1.68
N MET A 68 -8.32 1.44 -1.11
CA MET A 68 -8.60 0.29 -1.98
C MET A 68 -9.98 0.41 -2.62
N ILE A 69 -10.90 1.12 -1.95
CA ILE A 69 -12.15 1.58 -2.58
C ILE A 69 -11.84 2.40 -3.84
N ILE A 70 -10.90 3.31 -3.75
CA ILE A 70 -10.52 4.16 -4.88
C ILE A 70 -9.92 3.35 -6.02
N VAL A 71 -9.09 2.37 -5.66
CA VAL A 71 -8.50 1.53 -6.69
C VAL A 71 -9.58 0.71 -7.39
N GLU A 72 -10.59 0.26 -6.68
CA GLU A 72 -11.64 -0.48 -7.35
C GLU A 72 -12.46 0.47 -8.23
N TYR A 73 -12.72 1.69 -7.75
CA TYR A 73 -13.40 2.68 -8.57
C TYR A 73 -12.64 2.95 -9.86
N ILE A 74 -11.36 3.28 -9.71
CA ILE A 74 -10.50 3.61 -10.84
C ILE A 74 -10.55 2.50 -11.87
N ASP A 75 -10.60 1.27 -11.37
CA ASP A 75 -10.59 0.07 -12.18
C ASP A 75 -11.89 -0.16 -12.97
N GLU A 76 -13.05 0.19 -12.40
CA GLU A 76 -14.30 0.09 -13.16
C GLU A 76 -14.38 1.17 -14.20
N VAL A 77 -14.01 2.39 -13.81
CA VAL A 77 -14.16 3.53 -14.69
C VAL A 77 -13.15 3.52 -15.81
N TRP A 78 -11.91 3.14 -15.49
CA TRP A 78 -10.88 2.99 -16.52
C TRP A 78 -10.46 1.52 -16.63
N PRO A 79 -11.21 0.73 -17.40
CA PRO A 79 -10.98 -0.72 -17.54
C PRO A 79 -9.64 -1.15 -18.15
N GLN A 80 -8.95 -0.30 -18.92
CA GLN A 80 -7.64 -0.69 -19.47
C GLN A 80 -6.66 -1.10 -18.37
N ASN A 81 -5.77 -2.04 -18.69
CA ASN A 81 -4.80 -2.59 -17.74
C ASN A 81 -5.52 -3.05 -16.47
N PRO A 82 -6.29 -4.13 -16.61
CA PRO A 82 -7.19 -4.66 -15.58
C PRO A 82 -6.43 -5.01 -14.29
N LEU A 83 -6.93 -4.58 -13.13
CA LEU A 83 -6.32 -4.98 -11.87
C LEU A 83 -7.07 -6.14 -11.22
N LEU A 84 -8.15 -6.56 -11.88
CA LEU A 84 -8.98 -7.65 -11.38
C LEU A 84 -9.16 -8.71 -12.45
N PRO A 85 -9.15 -9.99 -12.06
CA PRO A 85 -9.45 -11.08 -12.99
C PRO A 85 -10.89 -11.02 -13.51
N LYS A 86 -11.19 -11.78 -14.55
CA LYS A 86 -12.55 -11.90 -15.06
C LYS A 86 -13.39 -12.93 -14.30
N ASP A 87 -12.81 -14.09 -13.97
CA ASP A 87 -13.51 -15.12 -13.18
C ASP A 87 -13.91 -14.63 -11.78
N PRO A 88 -15.16 -14.89 -11.35
CA PRO A 88 -15.62 -14.37 -10.05
C PRO A 88 -14.95 -15.00 -8.81
N TYR A 89 -14.55 -16.26 -8.92
CA TYR A 89 -13.80 -16.85 -7.84
C TYR A 89 -12.44 -16.19 -7.68
N GLU A 90 -11.74 -15.98 -8.79
CA GLU A 90 -10.44 -15.30 -8.79
C GLU A 90 -10.57 -13.89 -8.27
N ARG A 91 -11.69 -13.26 -8.59
CA ARG A 91 -11.98 -11.93 -8.12
C ARG A 91 -12.18 -11.87 -6.60
N ALA A 92 -12.87 -12.89 -6.07
CA ALA A 92 -13.09 -12.99 -4.63
C ALA A 92 -11.76 -13.26 -3.92
N LEU A 93 -10.96 -14.13 -4.53
CA LEU A 93 -9.60 -14.40 -4.06
C LEU A 93 -8.74 -13.15 -3.98
N ALA A 94 -8.77 -12.35 -5.06
CA ALA A 94 -8.05 -11.10 -5.10
C ALA A 94 -8.55 -10.20 -3.97
N ARG A 95 -9.86 -10.09 -3.80
CA ARG A 95 -10.40 -9.25 -2.72
C ARG A 95 -10.09 -9.78 -1.34
N PHE A 96 -9.99 -11.08 -1.23
CA PHE A 96 -9.69 -11.66 0.04
C PHE A 96 -8.31 -11.19 0.47
N TRP A 97 -7.35 -11.20 -0.44
CA TRP A 97 -6.00 -10.85 -0.05
C TRP A 97 -5.83 -9.32 0.12
N VAL A 98 -6.63 -8.51 -0.57
CA VAL A 98 -6.68 -7.09 -0.29
C VAL A 98 -7.16 -6.88 1.13
N LYS A 99 -8.30 -7.48 1.45
CA LYS A 99 -8.86 -7.40 2.80
C LYS A 99 -7.83 -7.84 3.84
N PHE A 100 -7.15 -8.95 3.57
CA PHE A 100 -6.05 -9.44 4.43
C PHE A 100 -4.97 -8.38 4.63
N ALA A 101 -4.46 -7.80 3.53
CA ALA A 101 -3.47 -6.73 3.62
C ALA A 101 -3.92 -5.57 4.52
N GLU A 102 -5.18 -5.14 4.38
CA GLU A 102 -5.74 -4.03 5.16
C GLU A 102 -5.89 -4.34 6.64
N ASP A 103 -6.38 -5.53 6.97
CA ASP A 103 -6.57 -5.92 8.36
C ASP A 103 -5.24 -6.25 9.02
N LYS A 104 -4.53 -7.23 8.47
CA LYS A 104 -3.29 -7.69 9.08
C LYS A 104 -2.16 -6.69 8.95
N GLY A 105 -2.24 -5.80 7.97
CA GLY A 105 -1.19 -4.84 7.70
C GLY A 105 -1.12 -3.75 8.76
N THR A 106 -2.16 -3.66 9.58
CA THR A 106 -2.19 -2.67 10.64
C THR A 106 -1.09 -2.95 11.66
N ALA A 107 -0.60 -4.18 11.69
CA ALA A 107 0.50 -4.55 12.57
C ALA A 107 1.76 -3.81 12.18
N VAL A 108 2.00 -3.68 10.87
CA VAL A 108 3.17 -2.97 10.38
C VAL A 108 3.14 -1.54 10.87
N TRP A 109 1.94 -0.96 10.96
CA TRP A 109 1.86 0.44 11.22
C TRP A 109 1.84 0.74 12.71
N ARG A 110 1.36 -0.21 13.51
CA ARG A 110 1.52 -0.14 14.97
C ARG A 110 2.98 -0.27 15.39
N MET A 111 3.70 -1.15 14.70
CA MET A 111 5.14 -1.35 14.85
C MET A 111 5.86 0.00 14.90
N PHE A 112 5.59 0.81 13.88
CA PHE A 112 6.27 2.08 13.71
C PHE A 112 6.21 2.97 14.95
N ARG A 113 5.12 2.87 15.71
CA ARG A 113 4.92 3.72 16.87
C ARG A 113 5.17 2.98 18.22
N SER A 114 5.54 1.70 18.16
CA SER A 114 5.63 0.86 19.35
C SER A 114 7.03 0.87 19.95
N LYS A 115 7.14 0.51 21.23
CA LYS A 115 8.44 0.64 21.89
C LYS A 115 8.97 -0.63 22.56
N GLY A 116 8.30 -1.09 23.61
CA GLY A 116 8.87 -2.12 24.45
C GLY A 116 8.29 -3.49 24.18
N GLU A 117 7.50 -3.99 25.12
CA GLU A 117 6.79 -5.23 24.91
C GLU A 117 5.75 -5.01 23.82
N GLU A 118 5.26 -3.77 23.72
CA GLU A 118 4.32 -3.40 22.67
C GLU A 118 4.98 -3.59 21.30
N LEU A 119 6.23 -3.14 21.16
CA LEU A 119 6.99 -3.35 19.92
C LEU A 119 7.24 -4.84 19.73
N GLU A 120 7.46 -5.51 20.85
CA GLU A 120 7.66 -6.95 20.87
C GLU A 120 6.52 -7.66 20.16
N LYS A 121 5.30 -7.35 20.57
CA LYS A 121 4.14 -8.08 20.10
C LYS A 121 3.84 -7.82 18.64
N THR A 122 3.89 -6.56 18.22
CA THR A 122 3.59 -6.23 16.83
C THR A 122 4.63 -6.83 15.87
N MET A 123 5.87 -7.00 16.35
CA MET A 123 6.87 -7.66 15.54
C MET A 123 6.55 -9.14 15.39
N LYS A 124 5.99 -9.72 16.44
CA LYS A 124 5.56 -11.11 16.37
C LYS A 124 4.34 -11.23 15.45
N GLU A 125 3.40 -10.31 15.61
CA GLU A 125 2.20 -10.30 14.79
C GLU A 125 2.54 -10.07 13.32
N THR A 126 3.49 -9.17 13.09
CA THR A 126 3.95 -8.91 11.74
C THR A 126 4.52 -10.19 11.15
N GLN A 127 5.19 -10.98 11.99
CA GLN A 127 5.82 -12.19 11.50
C GLN A 127 4.81 -13.26 11.18
N GLU A 128 3.71 -13.33 11.94
CA GLU A 128 2.72 -14.33 11.60
C GLU A 128 1.96 -13.96 10.33
N MET A 129 1.76 -12.66 10.10
CA MET A 129 1.13 -12.21 8.87
C MET A 129 1.93 -12.71 7.67
N LEU A 130 3.24 -12.50 7.71
CA LEU A 130 4.12 -12.86 6.60
C LEU A 130 4.17 -14.37 6.36
N GLN A 131 4.26 -15.14 7.45
CA GLN A 131 4.32 -16.60 7.37
C GLN A 131 3.08 -17.09 6.66
N THR A 132 1.95 -16.48 7.01
CA THR A 132 0.69 -16.80 6.39
C THR A 132 0.68 -16.55 4.89
N VAL A 133 1.03 -15.32 4.47
CA VAL A 133 1.06 -14.97 3.06
C VAL A 133 2.07 -15.85 2.34
N GLU A 134 3.19 -16.08 3.00
CA GLU A 134 4.30 -16.80 2.36
C GLU A 134 3.92 -18.23 2.03
N GLU A 135 2.99 -18.80 2.79
CA GLU A 135 2.56 -20.16 2.56
C GLU A 135 1.22 -20.27 1.83
N HIS A 136 0.35 -19.27 1.98
CA HIS A 136 -0.98 -19.37 1.40
C HIS A 136 -1.25 -18.35 0.31
N GLY A 137 -0.51 -17.25 0.32
CA GLY A 137 -0.87 -16.08 -0.46
C GLY A 137 -0.49 -16.11 -1.93
N ILE A 138 0.80 -16.17 -2.19
CA ILE A 138 1.33 -16.12 -3.54
C ILE A 138 1.65 -17.51 -4.07
N GLY A 139 0.90 -17.94 -5.10
CA GLY A 139 1.07 -19.26 -5.68
C GLY A 139 2.33 -19.40 -6.51
N GLU A 140 2.30 -20.26 -7.51
CA GLU A 140 3.46 -20.44 -8.37
C GLU A 140 3.52 -19.26 -9.33
N LYS A 141 2.37 -18.64 -9.53
CA LYS A 141 2.27 -17.44 -10.36
C LYS A 141 3.13 -16.32 -9.79
N LYS A 142 3.66 -15.49 -10.67
CA LYS A 142 4.56 -14.40 -10.31
C LYS A 142 3.95 -13.31 -9.40
N PHE A 143 2.71 -12.90 -9.69
CA PHE A 143 2.05 -11.91 -8.84
C PHE A 143 0.77 -12.49 -8.22
N PHE A 144 0.23 -11.81 -7.21
CA PHE A 144 -1.13 -12.13 -6.76
C PHE A 144 -2.09 -12.08 -7.93
N GLY A 145 -1.83 -11.17 -8.86
CA GLY A 145 -2.70 -10.93 -10.00
C GLY A 145 -2.42 -11.82 -11.20
N GLY A 146 -1.48 -12.75 -11.08
CA GLY A 146 -1.14 -13.64 -12.17
C GLY A 146 0.18 -13.26 -12.78
N GLU A 147 0.19 -13.09 -14.09
CA GLU A 147 1.41 -12.65 -14.77
C GLU A 147 1.59 -11.14 -14.63
N SER A 148 0.52 -10.45 -14.26
CA SER A 148 0.55 -9.01 -14.07
C SER A 148 0.02 -8.55 -12.71
N ILE A 149 0.45 -7.36 -12.29
CA ILE A 149 0.03 -6.74 -11.04
C ILE A 149 -1.48 -6.60 -10.89
N GLY A 150 -2.02 -7.05 -9.77
CA GLY A 150 -3.44 -6.86 -9.51
C GLY A 150 -3.65 -6.01 -8.27
N ILE A 151 -4.91 -5.79 -7.91
CA ILE A 151 -5.21 -5.05 -6.68
C ILE A 151 -4.51 -5.60 -5.43
N ALA A 152 -4.38 -6.92 -5.31
CA ALA A 152 -3.78 -7.47 -4.10
C ALA A 152 -2.26 -7.18 -4.11
N ASP A 153 -1.66 -7.17 -5.29
CA ASP A 153 -0.27 -6.72 -5.40
C ASP A 153 -0.14 -5.28 -4.93
N ILE A 154 -1.09 -4.43 -5.34
CA ILE A 154 -1.11 -3.03 -4.91
C ILE A 154 -1.18 -2.93 -3.40
N ALA A 155 -2.18 -3.58 -2.83
CA ALA A 155 -2.46 -3.52 -1.40
C ALA A 155 -1.27 -4.03 -0.61
N PHE A 156 -0.77 -5.20 -0.98
CA PHE A 156 0.27 -5.80 -0.16
C PHE A 156 1.60 -5.14 -0.46
N GLY A 157 1.78 -4.73 -1.70
CA GLY A 157 3.01 -4.08 -2.13
C GLY A 157 3.28 -2.84 -1.31
N SER A 158 2.23 -2.15 -0.89
CA SER A 158 2.44 -0.97 -0.07
C SER A 158 2.69 -1.38 1.39
N VAL A 159 1.99 -2.39 1.89
CA VAL A 159 2.28 -2.90 3.22
C VAL A 159 3.73 -3.33 3.33
N VAL A 160 4.19 -4.18 2.42
CA VAL A 160 5.47 -4.85 2.64
C VAL A 160 6.68 -3.95 2.36
N TYR A 161 6.60 -3.10 1.34
CA TYR A 161 7.68 -2.16 1.09
C TYR A 161 7.81 -1.15 2.23
N TRP A 162 6.69 -0.62 2.71
CA TRP A 162 6.73 0.27 3.87
C TRP A 162 7.23 -0.46 5.13
N LEU A 163 6.94 -1.76 5.23
CA LEU A 163 7.49 -2.57 6.31
C LEU A 163 9.02 -2.65 6.25
N GLU A 164 9.59 -2.94 5.08
CA GLU A 164 11.05 -2.94 4.92
C GLU A 164 11.69 -1.65 5.44
N VAL A 165 11.02 -0.53 5.19
CA VAL A 165 11.54 0.78 5.57
C VAL A 165 11.31 1.05 7.05
N ILE A 166 10.14 0.66 7.54
CA ILE A 166 9.82 0.87 8.94
C ILE A 166 10.74 0.01 9.80
N GLU A 167 11.13 -1.15 9.29
CA GLU A 167 12.09 -2.01 9.98
C GLU A 167 13.41 -1.30 10.26
N GLU A 168 14.01 -0.72 9.23
CA GLU A 168 15.27 -0.01 9.39
C GLU A 168 15.10 1.16 10.35
N ALA A 169 13.96 1.84 10.28
CA ALA A 169 13.69 2.98 11.14
C ALA A 169 13.56 2.60 12.63
N VAL A 170 13.26 1.34 12.91
CA VAL A 170 13.09 0.93 14.30
C VAL A 170 14.38 0.34 14.88
N GLY A 171 15.20 -0.26 14.02
CA GLY A 171 16.50 -0.74 14.46
C GLY A 171 16.73 -2.23 14.44
N GLU A 172 16.38 -2.90 15.53
CA GLU A 172 16.65 -4.34 15.70
C GLU A 172 15.67 -5.22 14.93
N GLY A 173 14.98 -4.62 13.97
CA GLY A 173 13.96 -5.33 13.21
C GLY A 173 14.44 -6.57 12.47
N ALA A 174 14.47 -7.69 13.17
CA ALA A 174 14.80 -8.95 12.52
C ALA A 174 13.54 -9.60 11.94
N VAL A 175 12.62 -8.79 11.41
CA VAL A 175 11.29 -9.29 11.06
C VAL A 175 11.17 -9.89 9.64
N PHE A 176 11.12 -9.03 8.64
CA PHE A 176 11.01 -9.47 7.25
C PHE A 176 12.37 -9.87 6.69
N GLU A 177 12.84 -11.06 7.07
CA GLU A 177 14.15 -11.53 6.60
C GLU A 177 14.00 -12.30 5.31
N ALA A 178 14.82 -11.96 4.32
CA ALA A 178 14.71 -12.56 3.01
C ALA A 178 14.86 -14.08 3.04
N HIS A 179 15.76 -14.62 3.86
CA HIS A 179 15.96 -16.07 3.84
C HIS A 179 14.86 -16.84 4.58
N ARG A 180 14.18 -16.16 5.51
CA ARG A 180 13.02 -16.71 6.19
C ARG A 180 11.75 -16.71 5.33
N PHE A 181 11.63 -15.73 4.44
CA PHE A 181 10.44 -15.54 3.63
C PHE A 181 10.80 -15.32 2.17
N PRO A 182 11.53 -16.27 1.58
CA PRO A 182 12.06 -16.10 0.22
C PRO A 182 11.00 -15.84 -0.85
N ARG A 183 9.86 -16.53 -0.78
CA ARG A 183 8.85 -16.38 -1.84
C ARG A 183 8.27 -14.98 -1.78
N LEU A 184 8.10 -14.45 -0.57
CA LEU A 184 7.59 -13.09 -0.43
C LEU A 184 8.60 -12.07 -0.92
N HIS A 185 9.89 -12.35 -0.71
CA HIS A 185 10.94 -11.43 -1.13
C HIS A 185 11.12 -11.46 -2.65
N ALA A 186 10.90 -12.62 -3.24
CA ALA A 186 10.90 -12.74 -4.68
C ALA A 186 9.77 -11.89 -5.25
N TRP A 187 8.64 -11.87 -4.56
CA TRP A 187 7.45 -11.21 -5.07
C TRP A 187 7.59 -9.70 -4.98
N ILE A 188 8.06 -9.21 -3.83
CA ILE A 188 8.23 -7.78 -3.61
C ILE A 188 9.36 -7.25 -4.49
N LYS A 189 10.33 -8.11 -4.76
CA LYS A 189 11.42 -7.77 -5.66
C LYS A 189 10.89 -7.59 -7.08
N ASP A 190 10.03 -8.50 -7.52
CA ASP A 190 9.42 -8.39 -8.84
C ASP A 190 8.46 -7.19 -8.93
N PHE A 191 7.78 -6.89 -7.83
CA PHE A 191 6.80 -5.82 -7.80
C PHE A 191 7.49 -4.46 -7.98
N LYS A 192 8.60 -4.28 -7.27
CA LYS A 192 9.39 -3.05 -7.38
C LYS A 192 10.11 -2.98 -8.74
N GLN A 193 10.17 -4.11 -9.43
CA GLN A 193 10.87 -4.21 -10.69
C GLN A 193 10.00 -3.76 -11.84
N VAL A 194 8.69 -3.76 -11.64
CA VAL A 194 7.76 -3.31 -12.67
C VAL A 194 7.99 -1.84 -12.96
N PRO A 195 8.28 -1.51 -14.23
CA PRO A 195 8.64 -0.18 -14.73
C PRO A 195 7.83 0.95 -14.10
N VAL A 196 6.51 0.86 -14.14
CA VAL A 196 5.68 1.93 -13.57
C VAL A 196 5.76 2.02 -12.05
N ILE A 197 5.94 0.89 -11.36
CA ILE A 197 6.16 0.92 -9.92
C ILE A 197 7.55 1.47 -9.64
N LYS A 198 8.54 0.99 -10.37
CA LYS A 198 9.91 1.48 -10.26
C LYS A 198 9.99 3.02 -10.38
N GLU A 199 9.29 3.57 -11.36
CA GLU A 199 9.26 5.01 -11.60
C GLU A 199 8.55 5.76 -10.50
N ASN A 200 7.64 5.10 -9.80
CA ASN A 200 6.83 5.79 -8.79
C ASN A 200 6.98 5.16 -7.42
N LEU A 201 8.23 5.02 -7.01
CA LEU A 201 8.54 4.33 -5.79
C LEU A 201 9.44 5.25 -4.97
N PRO A 202 8.98 5.63 -3.78
CA PRO A 202 9.76 6.52 -2.92
C PRO A 202 11.11 5.89 -2.59
N GLU A 203 12.17 6.67 -2.71
CA GLU A 203 13.52 6.16 -2.47
C GLU A 203 13.70 5.74 -1.03
N ARG A 204 14.09 4.47 -0.83
CA ARG A 204 14.17 3.87 0.50
C ARG A 204 14.95 4.70 1.53
N ASP A 205 16.14 5.13 1.14
CA ASP A 205 17.03 5.88 2.03
C ASP A 205 16.35 7.13 2.59
N TRP A 206 15.78 7.94 1.71
CA TRP A 206 15.05 9.13 2.14
C TRP A 206 13.94 8.78 3.14
N MET A 207 13.20 7.70 2.85
CA MET A 207 12.07 7.33 3.68
C MET A 207 12.50 6.80 5.04
N VAL A 208 13.57 6.00 5.04
CA VAL A 208 14.11 5.51 6.32
C VAL A 208 14.39 6.65 7.27
N THR A 209 15.05 7.70 6.75
CA THR A 209 15.42 8.86 7.53
C THR A 209 14.19 9.61 7.99
N PHE A 210 13.27 9.77 7.05
CA PHE A 210 12.01 10.43 7.31
C PHE A 210 11.26 9.75 8.43
N PHE A 211 11.13 8.43 8.35
CA PHE A 211 10.44 7.70 9.40
C PHE A 211 11.32 7.55 10.65
N LYS A 212 12.63 7.45 10.44
CA LYS A 212 13.59 7.51 11.53
C LYS A 212 13.41 8.79 12.37
N ASN A 213 13.54 9.96 11.74
CA ASN A 213 13.43 11.23 12.46
C ASN A 213 12.02 11.44 12.98
N ARG A 214 11.08 10.72 12.39
CA ARG A 214 9.69 10.83 12.81
C ARG A 214 9.46 9.97 14.05
N ARG A 215 10.17 8.86 14.15
CA ARG A 215 9.99 7.95 15.28
C ARG A 215 10.65 8.48 16.58
N GLU A 216 11.79 9.16 16.44
CA GLU A 216 12.50 9.72 17.59
C GLU A 216 11.65 10.76 18.31
N ALA A 217 10.70 11.35 17.61
CA ALA A 217 9.86 12.42 18.16
C ALA A 217 8.63 11.90 18.90
N1 GSH B . -7.15 5.25 2.74
CA1 GSH B . -6.54 4.59 3.86
C1 GSH B . -7.31 3.35 4.10
O11 GSH B . -7.30 2.50 3.17
O12 GSH B . -7.91 3.22 5.20
CB1 GSH B . -6.49 5.34 5.19
CG1 GSH B . -5.48 6.45 4.97
CD1 GSH B . -4.94 7.08 6.21
OE1 GSH B . -5.12 6.56 7.28
N2 GSH B . -4.22 8.31 6.04
CA2 GSH B . -3.70 9.04 7.12
C2 GSH B . -4.50 10.34 7.17
O2 GSH B . -4.85 10.86 6.14
CB2 GSH B . -2.22 9.33 6.94
SG2 GSH B . -1.40 8.09 5.96
N3 GSH B . -4.87 11.00 8.37
CA3 GSH B . -4.54 10.50 9.66
C3 GSH B . -5.41 11.20 10.68
O31 GSH B . -5.92 10.52 11.63
O32 GSH B . -5.64 12.43 10.56
HN11 GSH B . -7.32 6.12 2.97
HN12 GSH B . -6.58 5.22 2.03
HA1 GSH B . -5.63 4.35 3.61
HB12 GSH B . -7.37 5.72 5.40
HB13 GSH B . -6.19 4.75 5.91
HG12 GSH B . -4.73 6.09 4.46
HG13 GSH B . -5.91 7.15 4.42
HN2 GSH B . -4.14 8.65 5.21
HA2 GSH B . -3.83 8.55 7.96
HB22 GSH B . -1.79 9.37 7.81
HB23 GSH B . -2.11 10.20 6.50
HSG GSH B . -0.66 7.49 6.64
HN3 GSH B . -5.36 11.76 8.31
HA31 GSH B . -4.70 9.53 9.69
HA32 GSH B . -3.60 10.68 9.85
#